data_3E9X
#
_entry.id   3E9X
#
_cell.length_a   63.570
_cell.length_b   50.350
_cell.length_c   65.960
_cell.angle_alpha   90.00
_cell.angle_beta   107.90
_cell.angle_gamma   90.00
#
_symmetry.space_group_name_H-M   'P 1 21 1'
#
loop_
_entity.id
_entity.type
_entity.pdbx_description
1 polymer "Lactotransferrin'"
2 branched 2-acetamido-2-deoxy-beta-D-glucopyranose-(1-4)-2-acetamido-2-deoxy-beta-D-glucopyranose
3 branched alpha-D-mannopyranose-(1-4)-2-acetamido-2-deoxy-beta-D-glucopyranose-(1-4)-2-acetamido-2-deoxy-beta-D-glucopyranose
4 non-polymer 4-NITRO-2-PHENOXYMETHANESULFONANILIDE
5 non-polymer 'FE (III) ION'
6 non-polymer 'CARBONATE ION'
7 non-polymer 'ZINC ION'
8 non-polymer 'SULFATE ION'
9 water water
#
_entity_poly.entity_id   1
_entity_poly.type   'polypeptide(L)'
_entity_poly.pdbx_seq_one_letter_code
;YTRVVWCAVGPEEQKKCQQWSQQSGQNVTCATASTTDDCIVLVLKGEADALNLDGGYIYTAGKCGLVPVLAENRKSSKHS
SLDCVLRPTEGYLAVAVVKKANEGLTWNSLKDKKSCHTAVDRTAGWNIPMGLIVNQTGSCAFDEFFSQSCAPGADPKSRL
CALCAGDDQGLDKCVPNSKEKYYGYTGAFRCLAEDVGDVAFVKNDTVWENTNGESTADWAKNLKREDFRLLCLDGTRKPV
TEAQSCHLAVAPNHAVVSRSDRAAHVEQVLLHQQALFGKNGKNCPDKFCLFKSETKNLLFNDNTECLAKLGGRPTYEEYL
GTEYVTAIANLKKCSTSPLLEACAF
;
_entity_poly.pdbx_strand_id   A
#
loop_
_chem_comp.id
_chem_comp.type
_chem_comp.name
_chem_comp.formula
CO3 non-polymer 'CARBONATE ION' 'C O3 -2'
FE non-polymer 'FE (III) ION' 'Fe 3'
MAN D-saccharide, alpha linking alpha-D-mannopyranose 'C6 H12 O6'
NAG D-saccharide, beta linking 2-acetamido-2-deoxy-beta-D-glucopyranose 'C8 H15 N O6'
NIM non-polymer 4-NITRO-2-PHENOXYMETHANESULFONANILIDE 'C13 H12 N2 O5 S'
SO4 non-polymer 'SULFATE ION' 'O4 S -2'
ZN non-polymer 'ZINC ION' 'Zn 2'
#
# COMPACT_ATOMS: atom_id res chain seq x y z
N TYR A 1 24.31 9.99 -15.00
CA TYR A 1 24.30 10.22 -13.53
C TYR A 1 24.00 11.66 -13.16
N THR A 2 22.75 11.91 -12.83
CA THR A 2 22.34 13.22 -12.36
C THR A 2 21.60 12.80 -11.09
N ARG A 3 21.20 13.76 -10.27
CA ARG A 3 20.50 13.39 -9.06
C ARG A 3 19.09 12.92 -9.40
N VAL A 4 18.53 12.11 -8.52
CA VAL A 4 17.18 11.62 -8.68
C VAL A 4 16.42 12.32 -7.55
N VAL A 5 15.29 12.93 -7.89
CA VAL A 5 14.48 13.60 -6.90
C VAL A 5 13.33 12.68 -6.57
N TRP A 6 13.36 12.13 -5.36
CA TRP A 6 12.32 11.23 -4.89
C TRP A 6 11.15 12.05 -4.36
N CYS A 7 9.94 11.54 -4.49
CA CYS A 7 8.81 12.28 -3.95
C CYS A 7 8.28 11.61 -2.68
N ALA A 8 8.35 12.36 -1.58
CA ALA A 8 7.88 11.87 -0.29
C ALA A 8 6.47 12.36 0.00
N VAL A 9 5.65 11.47 0.55
CA VAL A 9 4.27 11.80 0.89
C VAL A 9 4.10 12.00 2.38
N GLY A 10 4.01 13.25 2.80
CA GLY A 10 3.82 13.53 4.22
C GLY A 10 5.11 13.84 4.95
N PRO A 11 5.01 14.39 6.17
CA PRO A 11 6.14 14.76 7.02
C PRO A 11 7.10 13.62 7.41
N GLU A 12 6.56 12.44 7.68
CA GLU A 12 7.40 11.32 8.10
C GLU A 12 8.22 10.74 6.97
N GLU A 13 7.65 10.72 5.77
CA GLU A 13 8.37 10.20 4.63
C GLU A 13 9.42 11.18 4.17
N GLN A 14 9.17 12.46 4.37
CA GLN A 14 10.14 13.46 3.98
C GLN A 14 11.31 13.40 4.95
N LYS A 15 11.03 13.05 6.19
CA LYS A 15 12.09 12.96 7.17
C LYS A 15 13.01 11.81 6.78
N LYS A 16 12.45 10.65 6.54
CA LYS A 16 13.25 9.49 6.15
C LYS A 16 13.97 9.77 4.84
N CYS A 17 13.34 10.52 3.95
CA CYS A 17 13.95 10.80 2.67
C CYS A 17 15.17 11.68 2.80
N GLN A 18 15.10 12.69 3.66
CA GLN A 18 16.23 13.61 3.85
C GLN A 18 17.42 12.87 4.42
N GLN A 19 17.16 11.85 5.22
CA GLN A 19 18.25 11.05 5.78
C GLN A 19 18.92 10.33 4.63
N TRP A 20 18.09 9.72 3.78
CA TRP A 20 18.54 8.97 2.62
C TRP A 20 19.34 9.88 1.70
N SER A 21 18.89 11.11 1.54
CA SER A 21 19.59 12.09 0.71
C SER A 21 20.96 12.35 1.34
N GLN A 22 20.94 12.61 2.64
CA GLN A 22 22.14 12.87 3.43
C GLN A 22 23.20 11.80 3.19
N GLN A 23 22.82 10.54 3.37
CA GLN A 23 23.72 9.40 3.21
C GLN A 23 24.12 9.06 1.78
N SER A 24 23.39 9.56 0.80
CA SER A 24 23.68 9.28 -0.60
C SER A 24 24.59 10.30 -1.24
N GLY A 25 25.00 11.31 -0.47
CA GLY A 25 25.86 12.34 -1.00
C GLY A 25 25.06 13.16 -1.99
N GLN A 26 23.79 13.31 -1.68
CA GLN A 26 22.86 14.06 -2.52
C GLN A 26 22.71 13.44 -3.89
N ASN A 27 23.00 12.15 -4.00
CA ASN A 27 22.84 11.48 -5.28
C ASN A 27 21.34 11.32 -5.46
N VAL A 28 20.62 11.32 -4.34
CA VAL A 28 19.17 11.26 -4.30
C VAL A 28 18.76 12.41 -3.41
N THR A 29 17.81 13.21 -3.86
CA THR A 29 17.35 14.33 -3.08
C THR A 29 15.82 14.26 -3.04
N CYS A 30 15.18 15.05 -2.17
CA CYS A 30 13.72 14.94 -2.01
C CYS A 30 12.80 16.09 -2.40
N ALA A 31 11.54 15.74 -2.61
CA ALA A 31 10.48 16.69 -2.92
C ALA A 31 9.36 16.21 -2.01
N THR A 32 8.44 17.09 -1.62
CA THR A 32 7.37 16.65 -0.72
C THR A 32 5.98 17.11 -1.16
N ALA A 33 4.98 16.29 -0.83
CA ALA A 33 3.58 16.58 -1.12
C ALA A 33 2.70 15.96 -0.01
N SER A 34 1.52 16.52 0.24
CA SER A 34 0.63 16.01 1.27
C SER A 34 -0.20 14.86 0.75
N THR A 35 0.06 14.47 -0.50
CA THR A 35 -0.74 13.44 -1.13
C THR A 35 -0.03 12.68 -2.24
N THR A 36 -0.42 11.43 -2.42
CA THR A 36 0.18 10.61 -3.46
C THR A 36 -0.16 11.21 -4.81
N ASP A 37 -1.41 11.64 -4.98
CA ASP A 37 -1.85 12.28 -6.22
C ASP A 37 -0.98 13.48 -6.56
N ASP A 38 -0.68 14.29 -5.53
CA ASP A 38 0.17 15.47 -5.66
C ASP A 38 1.56 15.07 -6.14
N CYS A 39 2.11 14.03 -5.51
CA CYS A 39 3.42 13.52 -5.89
C CYS A 39 3.41 13.03 -7.35
N ILE A 40 2.28 12.51 -7.80
CA ILE A 40 2.16 12.05 -9.18
C ILE A 40 2.30 13.28 -10.08
N VAL A 41 1.60 14.35 -9.72
CA VAL A 41 1.65 15.58 -10.48
C VAL A 41 3.07 16.17 -10.54
N LEU A 42 3.77 16.21 -9.40
CA LEU A 42 5.12 16.74 -9.36
C LEU A 42 6.01 15.99 -10.33
N VAL A 43 5.73 14.70 -10.52
CA VAL A 43 6.54 13.87 -11.42
C VAL A 43 6.22 14.15 -12.89
N LEU A 44 5.00 14.62 -13.17
CA LEU A 44 4.59 14.96 -14.52
C LEU A 44 5.21 16.30 -14.89
N LYS A 45 5.16 17.23 -13.95
CA LYS A 45 5.72 18.54 -14.20
C LYS A 45 7.23 18.41 -14.35
N GLY A 46 7.78 17.32 -13.81
CA GLY A 46 9.21 17.10 -13.90
C GLY A 46 9.95 17.62 -12.69
N GLU A 47 9.21 18.04 -11.67
CA GLU A 47 9.84 18.57 -10.47
C GLU A 47 10.30 17.49 -9.51
N ALA A 48 9.93 16.26 -9.84
CA ALA A 48 10.33 15.11 -9.06
C ALA A 48 10.54 13.99 -10.08
N ASP A 49 11.31 12.98 -9.70
CA ASP A 49 11.60 11.86 -10.61
C ASP A 49 10.81 10.56 -10.37
N ALA A 50 10.83 10.06 -9.14
CA ALA A 50 10.16 8.81 -8.84
C ALA A 50 9.52 8.72 -7.47
N LEU A 51 8.81 7.62 -7.27
CA LEU A 51 8.17 7.27 -6.02
C LEU A 51 7.63 5.85 -6.13
N ASN A 52 7.59 5.16 -4.99
CA ASN A 52 7.09 3.80 -4.95
C ASN A 52 5.58 3.91 -4.77
N LEU A 53 4.82 3.12 -5.54
CA LEU A 53 3.37 3.18 -5.48
C LEU A 53 2.65 1.84 -5.36
N ASP A 54 1.41 1.92 -4.91
CA ASP A 54 0.53 0.77 -4.76
C ASP A 54 -0.13 0.58 -6.13
N GLY A 55 -0.52 -0.66 -6.43
CA GLY A 55 -1.15 -0.91 -7.72
C GLY A 55 -2.24 0.09 -8.12
N GLY A 56 -3.10 0.45 -7.17
CA GLY A 56 -4.19 1.37 -7.44
C GLY A 56 -3.75 2.71 -7.99
N TYR A 57 -2.60 3.19 -7.53
CA TYR A 57 -2.09 4.46 -7.99
C TYR A 57 -1.31 4.23 -9.29
N ILE A 58 -0.62 3.10 -9.38
CA ILE A 58 0.12 2.76 -10.58
C ILE A 58 -0.81 2.86 -11.79
N TYR A 59 -2.09 2.65 -11.54
CA TYR A 59 -3.11 2.71 -12.58
C TYR A 59 -3.49 4.15 -12.91
N THR A 60 -3.46 5.01 -11.89
CA THR A 60 -3.78 6.41 -12.07
C THR A 60 -2.64 7.06 -12.85
N ALA A 61 -1.42 6.84 -12.36
CA ALA A 61 -0.22 7.37 -12.97
C ALA A 61 0.00 6.85 -14.39
N GLY A 62 -0.35 5.59 -14.62
CA GLY A 62 -0.17 5.00 -15.95
C GLY A 62 -0.98 5.72 -17.00
N LYS A 63 -2.19 6.10 -16.62
CA LYS A 63 -3.12 6.84 -17.47
C LYS A 63 -2.54 8.17 -17.88
N CYS A 64 -1.56 8.63 -17.10
CA CYS A 64 -0.91 9.90 -17.34
C CYS A 64 0.48 9.71 -17.91
N GLY A 65 0.75 8.53 -18.46
CA GLY A 65 2.03 8.25 -19.07
C GLY A 65 3.21 7.83 -18.21
N LEU A 66 3.01 7.65 -16.91
CA LEU A 66 4.12 7.23 -16.06
C LEU A 66 4.34 5.74 -16.28
N VAL A 67 5.53 5.25 -15.95
CA VAL A 67 5.81 3.84 -16.16
C VAL A 67 6.46 3.13 -14.99
N PRO A 68 6.10 1.86 -14.76
CA PRO A 68 6.69 1.09 -13.66
C PRO A 68 8.14 0.87 -14.01
N VAL A 69 9.03 0.98 -13.02
CA VAL A 69 10.45 0.81 -13.27
C VAL A 69 11.02 -0.42 -12.55
N LEU A 70 10.73 -0.51 -11.27
CA LEU A 70 11.20 -1.62 -10.46
C LEU A 70 10.09 -1.91 -9.46
N ALA A 71 9.97 -3.17 -9.06
CA ALA A 71 8.94 -3.56 -8.12
C ALA A 71 9.53 -4.06 -6.82
N GLU A 72 8.76 -4.02 -5.75
CA GLU A 72 9.24 -4.50 -4.46
C GLU A 72 9.20 -6.03 -4.50
N ASN A 73 10.10 -6.67 -3.76
CA ASN A 73 10.13 -8.12 -3.73
C ASN A 73 10.40 -8.54 -2.29
N ARG A 74 9.57 -9.44 -1.76
CA ARG A 74 9.72 -9.92 -0.39
C ARG A 74 10.23 -11.36 -0.36
N LYS A 75 10.26 -11.96 0.83
CA LYS A 75 10.71 -13.34 0.99
C LYS A 75 9.78 -14.33 0.29
N SER A 76 10.37 -15.34 -0.35
CA SER A 76 9.59 -16.37 -1.04
C SER A 76 10.19 -17.75 -0.82
N SER A 77 9.78 -18.71 -1.66
CA SER A 77 10.27 -20.08 -1.56
C SER A 77 10.65 -20.60 -2.95
N LYS A 78 9.78 -20.33 -3.92
CA LYS A 78 9.98 -20.74 -5.30
C LYS A 78 11.16 -19.92 -5.88
N HIS A 79 11.85 -20.48 -6.88
CA HIS A 79 13.01 -19.82 -7.51
C HIS A 79 14.06 -19.56 -6.43
N SER A 80 14.50 -20.61 -5.75
CA SER A 80 15.48 -20.47 -4.67
C SER A 80 16.85 -19.92 -5.08
N SER A 81 17.47 -20.52 -6.09
CA SER A 81 18.78 -20.10 -6.55
C SER A 81 18.78 -18.72 -7.23
N LEU A 82 17.61 -18.28 -7.68
CA LEU A 82 17.49 -16.97 -8.33
C LEU A 82 17.72 -15.81 -7.36
N ASP A 83 18.48 -14.82 -7.80
CA ASP A 83 18.76 -13.66 -6.96
C ASP A 83 17.47 -12.87 -6.75
N CYS A 84 17.47 -12.00 -5.74
CA CYS A 84 16.29 -11.21 -5.45
C CYS A 84 15.92 -10.21 -6.56
N VAL A 85 16.92 -9.54 -7.11
CA VAL A 85 16.68 -8.54 -8.16
C VAL A 85 16.21 -9.13 -9.47
N LEU A 86 16.51 -10.40 -9.70
CA LEU A 86 16.13 -11.07 -10.95
C LEU A 86 14.91 -11.97 -10.80
N ARG A 87 14.57 -12.31 -9.56
CA ARG A 87 13.44 -13.18 -9.25
C ARG A 87 12.08 -12.53 -9.52
N PRO A 88 11.16 -13.28 -10.14
CA PRO A 88 9.83 -12.72 -10.43
C PRO A 88 9.09 -12.34 -9.15
N THR A 89 8.17 -11.39 -9.26
CA THR A 89 7.39 -10.95 -8.11
C THR A 89 6.20 -11.88 -7.90
N GLU A 90 5.96 -12.25 -6.65
CA GLU A 90 4.88 -13.16 -6.30
C GLU A 90 3.53 -12.51 -6.06
N GLY A 91 3.49 -11.19 -5.94
CA GLY A 91 2.23 -10.51 -5.68
C GLY A 91 1.85 -10.65 -4.22
N TYR A 92 0.80 -9.98 -3.76
CA TYR A 92 0.42 -10.11 -2.36
C TYR A 92 -1.04 -10.45 -2.16
N LEU A 93 -1.39 -10.96 -0.98
CA LEU A 93 -2.76 -11.37 -0.70
C LEU A 93 -3.63 -10.35 -0.01
N ALA A 94 -4.70 -9.94 -0.67
CA ALA A 94 -5.63 -8.98 -0.10
C ALA A 94 -6.61 -9.77 0.74
N VAL A 95 -6.79 -9.37 1.99
CA VAL A 95 -7.70 -10.08 2.89
C VAL A 95 -8.60 -9.12 3.67
N ALA A 96 -9.62 -9.69 4.31
CA ALA A 96 -10.54 -8.93 5.16
C ALA A 96 -10.37 -9.59 6.51
N VAL A 97 -10.02 -8.80 7.51
CA VAL A 97 -9.80 -9.32 8.85
C VAL A 97 -10.81 -8.79 9.86
N VAL A 98 -11.05 -9.59 10.89
CA VAL A 98 -11.98 -9.24 11.94
C VAL A 98 -11.51 -9.84 13.26
N LYS A 99 -12.17 -9.46 14.35
CA LYS A 99 -11.80 -10.01 15.65
C LYS A 99 -12.48 -11.35 15.80
N LYS A 100 -11.80 -12.31 16.42
CA LYS A 100 -12.40 -13.62 16.62
C LYS A 100 -13.61 -13.47 17.54
N ALA A 101 -13.49 -12.60 18.53
CA ALA A 101 -14.56 -12.38 19.49
C ALA A 101 -15.84 -11.89 18.83
N ASN A 102 -15.71 -11.32 17.64
CA ASN A 102 -16.86 -10.81 16.93
C ASN A 102 -17.52 -11.96 16.18
N GLU A 103 -18.01 -12.94 16.92
CA GLU A 103 -18.65 -14.11 16.33
C GLU A 103 -19.79 -13.76 15.42
N GLY A 104 -20.05 -14.62 14.45
CA GLY A 104 -21.16 -14.36 13.55
C GLY A 104 -20.93 -13.36 12.44
N LEU A 105 -19.83 -12.60 12.49
CA LEU A 105 -19.56 -11.63 11.44
C LEU A 105 -18.87 -12.30 10.24
N THR A 106 -19.55 -12.35 9.09
CA THR A 106 -18.99 -12.96 7.88
C THR A 106 -19.02 -11.98 6.72
N TRP A 107 -18.58 -12.43 5.55
CA TRP A 107 -18.59 -11.59 4.36
C TRP A 107 -20.03 -11.20 4.06
N ASN A 108 -20.94 -12.11 4.37
CA ASN A 108 -22.36 -11.93 4.14
C ASN A 108 -23.07 -10.98 5.11
N SER A 109 -22.39 -10.58 6.18
CA SER A 109 -23.03 -9.69 7.15
C SER A 109 -22.24 -8.41 7.39
N LEU A 110 -21.60 -7.91 6.34
CA LEU A 110 -20.81 -6.69 6.46
C LEU A 110 -21.63 -5.42 6.35
N LYS A 111 -22.79 -5.48 5.72
CA LYS A 111 -23.56 -4.25 5.57
C LYS A 111 -23.86 -3.55 6.90
N ASP A 112 -23.72 -2.23 6.88
CA ASP A 112 -23.96 -1.38 8.04
C ASP A 112 -23.00 -1.61 9.20
N LYS A 113 -21.88 -2.26 8.90
CA LYS A 113 -20.84 -2.49 9.89
C LYS A 113 -19.82 -1.35 9.76
N LYS A 114 -18.76 -1.41 10.54
CA LYS A 114 -17.72 -0.38 10.51
C LYS A 114 -16.42 -0.92 9.92
N SER A 115 -15.93 -0.23 8.88
CA SER A 115 -14.73 -0.65 8.16
C SER A 115 -13.49 0.23 8.29
N CYS A 116 -12.35 -0.41 8.03
CA CYS A 116 -11.05 0.24 8.09
C CYS A 116 -10.38 -0.03 6.76
N HIS A 117 -10.23 1.01 5.96
CA HIS A 117 -9.60 0.90 4.65
C HIS A 117 -8.25 1.60 4.75
N THR A 118 -7.27 1.13 3.99
CA THR A 118 -5.95 1.73 4.03
C THR A 118 -6.00 3.17 3.53
N ALA A 119 -6.70 3.38 2.41
CA ALA A 119 -6.85 4.69 1.80
C ALA A 119 -7.61 4.53 0.49
N VAL A 120 -8.46 5.51 0.18
CA VAL A 120 -9.23 5.47 -1.06
C VAL A 120 -8.26 5.27 -2.22
N ASP A 121 -8.69 4.48 -3.21
CA ASP A 121 -7.89 4.20 -4.40
C ASP A 121 -6.76 3.17 -4.30
N ARG A 122 -6.58 2.55 -3.14
CA ARG A 122 -5.53 1.55 -3.03
C ARG A 122 -6.05 0.12 -3.32
N THR A 123 -5.14 -0.78 -3.68
CA THR A 123 -5.53 -2.13 -4.04
C THR A 123 -6.30 -2.97 -3.01
N ALA A 124 -5.68 -3.25 -1.87
CA ALA A 124 -6.32 -4.06 -0.83
C ALA A 124 -7.27 -3.28 0.06
N GLY A 125 -7.03 -1.99 0.20
CA GLY A 125 -7.87 -1.19 1.07
C GLY A 125 -9.13 -0.64 0.46
N TRP A 126 -9.12 -0.43 -0.85
CA TRP A 126 -10.30 0.12 -1.51
C TRP A 126 -10.77 -0.67 -2.71
N ASN A 127 -10.03 -0.55 -3.81
CA ASN A 127 -10.36 -1.19 -5.06
C ASN A 127 -10.88 -2.62 -5.03
N ILE A 128 -10.13 -3.54 -4.43
CA ILE A 128 -10.62 -4.91 -4.42
C ILE A 128 -11.92 -5.08 -3.62
N PRO A 129 -11.90 -4.71 -2.32
CA PRO A 129 -13.12 -4.86 -1.52
C PRO A 129 -14.38 -4.14 -2.02
N MET A 130 -14.28 -2.84 -2.34
CA MET A 130 -15.44 -2.08 -2.84
C MET A 130 -15.88 -2.51 -4.22
N GLY A 131 -14.95 -3.06 -5.00
CA GLY A 131 -15.27 -3.53 -6.32
C GLY A 131 -16.13 -4.77 -6.17
N LEU A 132 -15.73 -5.68 -5.28
CA LEU A 132 -16.49 -6.89 -5.04
C LEU A 132 -17.86 -6.48 -4.49
N ILE A 133 -17.87 -5.58 -3.52
CA ILE A 133 -19.11 -5.11 -2.91
C ILE A 133 -20.08 -4.44 -3.88
N VAL A 134 -19.58 -3.63 -4.82
CA VAL A 134 -20.48 -2.97 -5.77
C VAL A 134 -21.10 -4.05 -6.64
N ASN A 135 -20.26 -4.93 -7.15
CA ASN A 135 -20.67 -6.06 -7.97
C ASN A 135 -21.83 -6.76 -7.34
N GLN A 136 -21.52 -7.22 -6.13
CA GLN A 136 -22.43 -7.99 -5.32
C GLN A 136 -23.73 -7.31 -5.02
N THR A 137 -23.73 -6.00 -4.83
CA THR A 137 -24.98 -5.32 -4.55
C THR A 137 -25.56 -4.68 -5.81
N GLY A 138 -24.85 -4.81 -6.93
CA GLY A 138 -25.31 -4.22 -8.17
C GLY A 138 -25.67 -2.76 -7.98
N SER A 139 -24.89 -2.08 -7.15
CA SER A 139 -25.13 -0.67 -6.85
C SER A 139 -23.84 0.12 -6.66
N CYS A 140 -23.86 1.36 -7.12
CA CYS A 140 -22.71 2.25 -7.02
C CYS A 140 -22.69 3.04 -5.71
N ALA A 141 -23.72 2.88 -4.91
CA ALA A 141 -23.83 3.61 -3.65
C ALA A 141 -22.89 3.06 -2.58
N PHE A 142 -21.65 2.79 -2.94
CA PHE A 142 -20.69 2.26 -1.96
C PHE A 142 -20.42 3.26 -0.83
N ASP A 143 -21.00 4.44 -0.92
CA ASP A 143 -20.81 5.45 0.12
C ASP A 143 -21.82 5.23 1.24
N GLU A 144 -22.73 4.30 1.02
CA GLU A 144 -23.77 3.98 2.00
C GLU A 144 -23.77 2.52 2.44
N PHE A 145 -22.77 1.74 2.02
CA PHE A 145 -22.74 0.33 2.40
C PHE A 145 -22.43 0.16 3.87
N PHE A 146 -21.38 0.82 4.33
CA PHE A 146 -20.99 0.74 5.73
C PHE A 146 -21.63 1.86 6.51
N SER A 147 -21.76 1.67 7.82
CA SER A 147 -22.37 2.72 8.62
C SER A 147 -21.35 3.82 8.79
N GLN A 148 -20.12 3.43 9.14
CA GLN A 148 -19.02 4.36 9.31
C GLN A 148 -17.74 3.69 8.92
N SER A 149 -16.79 4.48 8.46
CA SER A 149 -15.51 3.94 8.05
C SER A 149 -14.42 4.96 8.28
N CYS A 150 -13.21 4.55 7.94
CA CYS A 150 -12.04 5.41 7.97
C CYS A 150 -11.34 5.03 6.67
N ALA A 151 -11.64 5.81 5.63
CA ALA A 151 -11.11 5.61 4.29
C ALA A 151 -10.42 6.91 3.86
N PRO A 152 -9.14 7.08 4.26
CA PRO A 152 -8.33 8.26 3.95
C PRO A 152 -8.42 8.71 2.50
N GLY A 153 -8.80 9.97 2.29
CA GLY A 153 -8.92 10.48 0.95
C GLY A 153 -10.36 10.83 0.60
N ALA A 154 -11.30 10.35 1.41
CA ALA A 154 -12.71 10.64 1.18
C ALA A 154 -13.06 11.97 1.82
N ASP A 155 -14.26 12.48 1.55
CA ASP A 155 -14.69 13.74 2.13
C ASP A 155 -14.60 13.61 3.64
N PRO A 156 -13.85 14.50 4.29
CA PRO A 156 -13.64 14.54 5.75
C PRO A 156 -14.93 14.58 6.57
N LYS A 157 -15.97 15.17 6.01
CA LYS A 157 -17.22 15.26 6.74
C LYS A 157 -18.24 14.21 6.33
N SER A 158 -17.78 13.18 5.60
CA SER A 158 -18.66 12.11 5.17
C SER A 158 -18.39 10.86 6.02
N ARG A 159 -19.32 9.91 5.98
CA ARG A 159 -19.22 8.66 6.73
C ARG A 159 -17.87 7.98 6.54
N LEU A 160 -17.41 7.92 5.29
CA LEU A 160 -16.15 7.29 4.96
C LEU A 160 -14.94 7.80 5.75
N CYS A 161 -15.14 8.87 6.52
CA CYS A 161 -14.05 9.44 7.33
C CYS A 161 -14.42 9.48 8.81
N ALA A 162 -15.68 9.15 9.11
CA ALA A 162 -16.18 9.15 10.48
C ALA A 162 -15.25 8.51 11.51
N LEU A 163 -14.61 7.40 11.15
CA LEU A 163 -13.76 6.70 12.11
C LEU A 163 -12.29 7.11 12.10
N CYS A 164 -11.90 7.92 11.13
CA CYS A 164 -10.51 8.35 11.07
C CYS A 164 -10.21 9.33 12.20
N ALA A 165 -9.07 9.14 12.85
CA ALA A 165 -8.70 9.96 13.98
C ALA A 165 -7.76 11.13 13.71
N GLY A 166 -7.37 11.34 12.47
CA GLY A 166 -6.46 12.44 12.22
C GLY A 166 -5.15 12.23 12.97
N ASP A 167 -4.33 13.26 13.09
CA ASP A 167 -3.05 13.11 13.77
C ASP A 167 -3.13 13.29 15.27
N ASP A 168 -1.96 13.35 15.90
CA ASP A 168 -1.83 13.48 17.35
C ASP A 168 -2.48 14.70 17.98
N GLN A 169 -3.04 15.58 17.15
CA GLN A 169 -3.70 16.76 17.63
C GLN A 169 -5.13 16.75 17.16
N GLY A 170 -5.43 15.83 16.25
CA GLY A 170 -6.77 15.74 15.70
C GLY A 170 -6.83 16.48 14.40
N LEU A 171 -5.69 17.06 14.02
CA LEU A 171 -5.59 17.80 12.76
C LEU A 171 -5.35 16.84 11.62
N ASP A 172 -5.71 17.23 10.41
CA ASP A 172 -5.52 16.39 9.25
C ASP A 172 -6.31 15.08 9.26
N LYS A 173 -7.52 15.12 9.81
CA LYS A 173 -8.36 13.92 9.85
C LYS A 173 -8.65 13.45 8.42
N CYS A 174 -8.38 12.18 8.17
CA CYS A 174 -8.61 11.54 6.88
C CYS A 174 -7.64 11.84 5.73
N VAL A 175 -6.52 12.50 6.00
CA VAL A 175 -5.58 12.79 4.91
C VAL A 175 -4.94 11.49 4.48
N PRO A 176 -4.79 11.30 3.17
CA PRO A 176 -4.18 10.07 2.67
C PRO A 176 -2.66 10.01 2.79
N ASN A 177 -2.16 10.22 4.01
CA ASN A 177 -0.73 10.11 4.28
C ASN A 177 -0.54 9.67 5.74
N SER A 178 0.62 9.09 6.01
CA SER A 178 0.95 8.56 7.34
C SER A 178 0.70 9.46 8.54
N LYS A 179 0.18 10.65 8.29
CA LYS A 179 -0.09 11.58 9.37
C LYS A 179 -1.44 11.21 9.99
N GLU A 180 -2.25 10.46 9.23
CA GLU A 180 -3.54 9.97 9.68
C GLU A 180 -3.17 8.74 10.53
N LYS A 181 -3.76 8.65 11.72
CA LYS A 181 -3.47 7.54 12.62
C LYS A 181 -3.79 6.19 11.98
N TYR A 182 -4.91 6.15 11.27
CA TYR A 182 -5.36 4.92 10.63
C TYR A 182 -5.13 4.88 9.11
N TYR A 183 -3.97 5.36 8.67
CA TYR A 183 -3.63 5.36 7.25
C TYR A 183 -2.74 4.18 6.89
N GLY A 184 -3.00 3.59 5.73
CA GLY A 184 -2.19 2.48 5.27
C GLY A 184 -2.44 1.12 5.88
N TYR A 185 -1.63 0.16 5.46
CA TYR A 185 -1.76 -1.19 5.94
C TYR A 185 -1.76 -1.22 7.47
N THR A 186 -0.75 -0.61 8.07
CA THR A 186 -0.63 -0.58 9.52
C THR A 186 -1.73 0.21 10.23
N GLY A 187 -2.12 1.34 9.66
CA GLY A 187 -3.17 2.14 10.27
C GLY A 187 -4.50 1.44 10.27
N ALA A 188 -4.87 0.87 9.12
CA ALA A 188 -6.14 0.17 8.98
C ALA A 188 -6.22 -1.00 9.94
N PHE A 189 -5.11 -1.70 10.14
CA PHE A 189 -5.11 -2.85 11.05
C PHE A 189 -5.23 -2.40 12.51
N ARG A 190 -4.62 -1.27 12.84
CA ARG A 190 -4.68 -0.73 14.21
C ARG A 190 -6.12 -0.30 14.49
N CYS A 191 -6.78 0.16 13.43
CA CYS A 191 -8.16 0.61 13.48
C CYS A 191 -9.04 -0.56 13.93
N LEU A 192 -8.74 -1.76 13.42
CA LEU A 192 -9.49 -2.94 13.79
C LEU A 192 -9.00 -3.42 15.16
N ALA A 193 -7.69 -3.37 15.36
CA ALA A 193 -7.09 -3.81 16.62
C ALA A 193 -7.61 -3.07 17.84
N GLU A 194 -7.98 -1.80 17.68
CA GLU A 194 -8.48 -1.02 18.80
C GLU A 194 -9.99 -1.03 18.81
N ASP A 195 -10.57 -1.90 17.97
CA ASP A 195 -12.01 -2.04 17.89
C ASP A 195 -12.76 -0.78 17.52
N VAL A 196 -12.19 -0.01 16.61
CA VAL A 196 -12.80 1.21 16.12
C VAL A 196 -13.67 0.75 14.96
N GLY A 197 -13.14 -0.21 14.20
CA GLY A 197 -13.86 -0.77 13.07
C GLY A 197 -14.11 -2.25 13.32
N ASP A 198 -15.03 -2.83 12.54
CA ASP A 198 -15.37 -4.24 12.65
C ASP A 198 -14.52 -5.11 11.74
N VAL A 199 -14.06 -4.52 10.64
CA VAL A 199 -13.21 -5.21 9.68
C VAL A 199 -12.16 -4.25 9.10
N ALA A 200 -11.05 -4.82 8.67
CA ALA A 200 -9.98 -4.05 8.10
C ALA A 200 -9.56 -4.72 6.81
N PHE A 201 -9.42 -3.92 5.78
CA PHE A 201 -9.00 -4.43 4.49
C PHE A 201 -7.54 -4.07 4.31
N VAL A 202 -6.71 -5.09 4.47
CA VAL A 202 -5.27 -4.97 4.35
C VAL A 202 -4.75 -6.16 3.53
N LYS A 203 -3.48 -6.50 3.71
CA LYS A 203 -2.92 -7.64 3.00
C LYS A 203 -2.54 -8.63 4.09
N ASN A 204 -2.44 -9.91 3.75
CA ASN A 204 -2.11 -10.90 4.76
C ASN A 204 -0.84 -10.64 5.58
N ASP A 205 0.20 -10.04 4.98
CA ASP A 205 1.45 -9.82 5.72
C ASP A 205 1.29 -8.88 6.91
N THR A 206 0.35 -7.96 6.79
CA THR A 206 0.11 -6.98 7.83
C THR A 206 -0.33 -7.60 9.14
N VAL A 207 -1.07 -8.69 9.05
CA VAL A 207 -1.55 -9.38 10.22
C VAL A 207 -0.40 -10.10 10.93
N TRP A 208 0.49 -10.67 10.16
CA TRP A 208 1.63 -11.39 10.72
C TRP A 208 2.68 -10.47 11.32
N GLU A 209 2.93 -9.34 10.65
CA GLU A 209 3.92 -8.36 11.10
C GLU A 209 3.55 -7.58 12.34
N ASN A 210 2.27 -7.56 12.71
CA ASN A 210 1.85 -6.77 13.86
C ASN A 210 1.22 -7.54 15.01
N THR A 211 1.51 -8.83 15.07
CA THR A 211 0.96 -9.67 16.13
C THR A 211 2.06 -10.60 16.68
N ASN A 212 1.77 -11.22 17.82
CA ASN A 212 2.70 -12.16 18.45
C ASN A 212 4.10 -11.61 18.72
N GLY A 213 4.19 -10.35 19.14
CA GLY A 213 5.48 -9.76 19.44
C GLY A 213 6.34 -9.27 18.27
N GLU A 214 5.82 -9.37 17.05
CA GLU A 214 6.57 -8.92 15.87
C GLU A 214 6.73 -7.39 15.85
N SER A 215 5.78 -6.68 16.45
CA SER A 215 5.82 -5.22 16.50
C SER A 215 5.85 -4.76 17.94
N THR A 216 6.85 -3.95 18.27
CA THR A 216 7.01 -3.41 19.62
C THR A 216 6.21 -2.13 19.83
N ALA A 217 5.20 -1.93 19.01
CA ALA A 217 4.36 -0.74 19.10
C ALA A 217 3.32 -0.95 20.19
N ASP A 218 3.20 0.03 21.07
CA ASP A 218 2.25 -0.03 22.17
C ASP A 218 0.89 -0.62 21.82
N TRP A 219 0.29 -0.19 20.71
CA TRP A 219 -1.02 -0.71 20.32
C TRP A 219 -1.01 -2.17 19.88
N ALA A 220 0.15 -2.67 19.44
CA ALA A 220 0.24 -4.03 18.95
C ALA A 220 1.05 -5.06 19.75
N LYS A 221 1.78 -4.62 20.77
CA LYS A 221 2.60 -5.55 21.56
C LYS A 221 1.86 -6.73 22.19
N ASN A 222 0.62 -6.53 22.63
CA ASN A 222 -0.13 -7.63 23.22
C ASN A 222 -1.19 -8.18 22.26
N LEU A 223 -0.95 -8.01 20.96
CA LEU A 223 -1.88 -8.52 19.96
C LEU A 223 -1.53 -9.96 19.65
N LYS A 224 -2.55 -10.81 19.64
CA LYS A 224 -2.35 -12.22 19.39
C LYS A 224 -3.01 -12.65 18.09
N ARG A 225 -2.24 -13.38 17.30
CA ARG A 225 -2.65 -13.91 16.00
C ARG A 225 -3.96 -14.72 16.05
N GLU A 226 -4.13 -15.55 17.07
CA GLU A 226 -5.34 -16.37 17.19
C GLU A 226 -6.60 -15.58 17.50
N ASP A 227 -6.46 -14.29 17.78
CA ASP A 227 -7.61 -13.47 18.09
C ASP A 227 -8.18 -12.78 16.85
N PHE A 228 -7.70 -13.18 15.69
CA PHE A 228 -8.16 -12.60 14.44
C PHE A 228 -8.65 -13.67 13.48
N ARG A 229 -9.45 -13.28 12.50
CA ARG A 229 -9.98 -14.21 11.53
C ARG A 229 -10.09 -13.54 10.16
N LEU A 230 -9.97 -14.35 9.11
CA LEU A 230 -10.07 -13.86 7.76
C LEU A 230 -11.46 -14.19 7.24
N LEU A 231 -12.06 -13.25 6.52
CA LEU A 231 -13.38 -13.46 5.94
C LEU A 231 -13.18 -13.95 4.51
N CYS A 232 -13.66 -15.15 4.21
CA CYS A 232 -13.52 -15.68 2.87
C CYS A 232 -14.79 -15.29 2.13
N LEU A 233 -14.77 -15.43 0.81
CA LEU A 233 -15.92 -15.05 0.02
C LEU A 233 -17.02 -16.11 0.02
N ASP A 234 -16.69 -17.34 0.42
CA ASP A 234 -17.71 -18.38 0.43
C ASP A 234 -18.58 -18.28 1.68
N GLY A 235 -18.37 -17.23 2.46
CA GLY A 235 -19.13 -17.02 3.66
C GLY A 235 -18.49 -17.50 4.95
N THR A 236 -17.41 -18.28 4.87
CA THR A 236 -16.77 -18.79 6.08
C THR A 236 -15.77 -17.87 6.76
N ARG A 237 -15.12 -18.39 7.80
CA ARG A 237 -14.12 -17.65 8.57
C ARG A 237 -12.99 -18.61 8.87
N LYS A 238 -11.77 -18.22 8.55
CA LYS A 238 -10.64 -19.10 8.78
C LYS A 238 -9.53 -18.43 9.54
N PRO A 239 -8.65 -19.23 10.14
CA PRO A 239 -7.51 -18.66 10.88
C PRO A 239 -6.65 -17.89 9.88
N VAL A 240 -5.89 -16.93 10.38
CA VAL A 240 -5.06 -16.14 9.50
C VAL A 240 -3.93 -16.99 8.92
N THR A 241 -4.01 -18.30 9.15
CA THR A 241 -2.99 -19.21 8.63
C THR A 241 -3.46 -19.79 7.31
N GLU A 242 -4.71 -19.54 6.96
CA GLU A 242 -5.30 -20.05 5.72
C GLU A 242 -5.45 -18.97 4.69
N ALA A 243 -4.61 -17.95 4.74
CA ALA A 243 -4.71 -16.86 3.77
C ALA A 243 -4.66 -17.37 2.33
N GLN A 244 -3.80 -18.36 2.09
CA GLN A 244 -3.64 -18.91 0.75
C GLN A 244 -4.95 -19.40 0.16
N SER A 245 -5.92 -19.73 1.02
CA SER A 245 -7.21 -20.24 0.57
C SER A 245 -8.40 -19.42 1.06
N CYS A 246 -8.15 -18.18 1.49
CA CYS A 246 -9.20 -17.30 1.99
C CYS A 246 -8.79 -15.83 1.81
N HIS A 247 -8.70 -15.40 0.55
CA HIS A 247 -8.33 -14.04 0.22
C HIS A 247 -9.31 -13.46 -0.80
N LEU A 248 -9.41 -12.14 -0.85
CA LEU A 248 -10.34 -11.49 -1.77
C LEU A 248 -9.74 -11.45 -3.17
N ALA A 249 -8.41 -11.44 -3.23
CA ALA A 249 -7.71 -11.39 -4.49
C ALA A 249 -6.22 -11.33 -4.22
N VAL A 250 -5.42 -11.56 -5.25
CA VAL A 250 -3.97 -11.47 -5.12
C VAL A 250 -3.59 -10.18 -5.85
N ALA A 251 -2.91 -9.28 -5.16
CA ALA A 251 -2.53 -7.99 -5.71
C ALA A 251 -1.10 -7.87 -6.24
N PRO A 252 -0.90 -7.06 -7.29
CA PRO A 252 0.44 -6.88 -7.85
C PRO A 252 1.27 -6.01 -6.90
N ASN A 253 2.52 -6.40 -6.70
CA ASN A 253 3.43 -5.67 -5.81
C ASN A 253 3.54 -4.17 -6.06
N HIS A 254 3.85 -3.44 -4.99
CA HIS A 254 4.03 -2.01 -5.10
C HIS A 254 5.26 -1.79 -5.97
N ALA A 255 5.18 -0.79 -6.84
CA ALA A 255 6.29 -0.53 -7.73
C ALA A 255 6.71 0.93 -7.80
N VAL A 256 7.97 1.13 -8.17
CA VAL A 256 8.54 2.46 -8.35
C VAL A 256 8.16 2.94 -9.75
N VAL A 257 7.68 4.18 -9.86
CA VAL A 257 7.31 4.73 -11.16
C VAL A 257 8.05 6.02 -11.46
N SER A 258 8.04 6.41 -12.73
CA SER A 258 8.69 7.63 -13.18
C SER A 258 8.16 7.94 -14.58
N ARG A 259 8.54 9.09 -15.13
CA ARG A 259 8.11 9.41 -16.49
C ARG A 259 8.94 8.52 -17.39
N SER A 260 8.36 8.08 -18.50
CA SER A 260 9.08 7.21 -19.41
C SER A 260 10.47 7.70 -19.81
N ASP A 261 10.61 9.00 -20.05
CA ASP A 261 11.91 9.54 -20.45
C ASP A 261 12.95 9.61 -19.32
N ARG A 262 12.55 9.26 -18.11
CA ARG A 262 13.45 9.31 -16.97
C ARG A 262 13.63 7.95 -16.31
N ALA A 263 12.94 6.96 -16.84
CA ALA A 263 12.95 5.60 -16.30
C ALA A 263 14.30 4.88 -16.27
N ALA A 264 15.09 5.05 -17.33
CA ALA A 264 16.38 4.39 -17.38
C ALA A 264 17.33 4.93 -16.33
N HIS A 265 17.35 6.25 -16.18
CA HIS A 265 18.23 6.88 -15.23
C HIS A 265 17.79 6.57 -13.81
N VAL A 266 16.49 6.59 -13.57
CA VAL A 266 15.97 6.30 -12.23
C VAL A 266 16.29 4.86 -11.84
N GLU A 267 16.24 3.98 -12.83
CA GLU A 267 16.52 2.57 -12.61
C GLU A 267 17.97 2.34 -12.23
N GLN A 268 18.86 3.01 -12.96
CA GLN A 268 20.29 2.92 -12.74
C GLN A 268 20.61 3.29 -11.28
N VAL A 269 20.23 4.49 -10.89
CA VAL A 269 20.49 4.98 -9.54
C VAL A 269 20.01 4.03 -8.45
N LEU A 270 18.73 3.63 -8.50
CA LEU A 270 18.16 2.77 -7.48
C LEU A 270 18.82 1.41 -7.26
N LEU A 271 19.33 0.79 -8.33
CA LEU A 271 20.00 -0.51 -8.19
C LEU A 271 21.27 -0.30 -7.38
N HIS A 272 21.96 0.82 -7.62
CA HIS A 272 23.19 1.16 -6.91
C HIS A 272 22.85 1.65 -5.52
N GLN A 273 21.66 2.23 -5.35
CA GLN A 273 21.25 2.71 -4.05
C GLN A 273 20.95 1.56 -3.09
N GLN A 274 20.32 0.50 -3.61
CA GLN A 274 20.00 -0.65 -2.77
C GLN A 274 21.25 -1.51 -2.57
N ALA A 275 22.24 -1.32 -3.42
CA ALA A 275 23.47 -2.06 -3.29
C ALA A 275 24.14 -1.55 -2.01
N LEU A 276 23.84 -0.29 -1.66
CA LEU A 276 24.40 0.34 -0.47
C LEU A 276 23.53 0.26 0.76
N PHE A 277 22.22 0.45 0.59
CA PHE A 277 21.29 0.47 1.72
C PHE A 277 20.21 -0.60 1.71
N GLY A 278 20.38 -1.62 0.86
CA GLY A 278 19.41 -2.69 0.76
C GLY A 278 19.51 -3.69 1.90
N LYS A 279 18.81 -4.82 1.76
CA LYS A 279 18.80 -5.88 2.78
C LYS A 279 20.19 -6.23 3.28
N ASN A 280 21.14 -6.46 2.38
CA ASN A 280 22.50 -6.79 2.79
C ASN A 280 23.48 -5.76 2.24
N GLY A 281 23.00 -4.52 2.12
CA GLY A 281 23.83 -3.46 1.61
C GLY A 281 25.01 -3.12 2.48
N LYS A 282 26.00 -2.47 1.86
CA LYS A 282 27.23 -2.04 2.50
C LYS A 282 27.04 -1.17 3.72
N ASN A 283 26.08 -0.26 3.65
CA ASN A 283 25.86 0.66 4.75
C ASN A 283 24.63 0.44 5.60
N CYS A 284 24.11 -0.78 5.55
CA CYS A 284 22.95 -1.15 6.34
C CYS A 284 23.30 -2.41 7.10
N PRO A 285 23.02 -2.47 8.41
CA PRO A 285 22.32 -1.50 9.27
C PRO A 285 23.28 -0.44 9.83
N ASP A 286 24.54 -0.56 9.46
CA ASP A 286 25.59 0.34 9.89
C ASP A 286 25.20 1.82 9.89
N LYS A 287 24.76 2.32 8.74
CA LYS A 287 24.40 3.73 8.65
C LYS A 287 22.95 4.04 8.33
N PHE A 288 22.43 3.47 7.25
CA PHE A 288 21.04 3.74 6.85
C PHE A 288 20.46 2.55 6.10
N CYS A 289 19.25 2.15 6.47
CA CYS A 289 18.61 1.05 5.77
C CYS A 289 17.38 1.58 5.06
N LEU A 290 17.41 1.47 3.74
CA LEU A 290 16.34 1.94 2.90
C LEU A 290 14.98 1.27 3.13
N PHE A 291 15.00 0.02 3.60
CA PHE A 291 13.75 -0.71 3.81
C PHE A 291 13.33 -0.89 5.27
N LYS A 292 13.77 0.00 6.13
CA LYS A 292 13.40 -0.05 7.53
C LYS A 292 12.91 1.34 7.92
N SER A 293 11.70 1.39 8.45
CA SER A 293 11.11 2.65 8.87
C SER A 293 10.38 2.38 10.16
N GLU A 294 10.50 1.14 10.62
CA GLU A 294 9.88 0.69 11.87
C GLU A 294 8.38 0.42 11.83
N THR A 295 7.98 -0.64 11.13
CA THR A 295 6.58 -1.05 11.04
C THR A 295 5.69 0.08 10.50
N LYS A 296 6.31 1.12 9.94
CA LYS A 296 5.57 2.26 9.43
C LYS A 296 5.53 2.32 7.91
N ASN A 297 6.25 1.39 7.28
CA ASN A 297 6.33 1.29 5.82
C ASN A 297 6.46 2.66 5.13
N LEU A 298 7.57 3.36 5.38
CA LEU A 298 7.78 4.68 4.77
C LEU A 298 8.62 4.59 3.50
N LEU A 299 8.11 5.20 2.43
CA LEU A 299 8.75 5.19 1.11
C LEU A 299 8.67 3.78 0.51
N PHE A 300 8.98 2.77 1.32
CA PHE A 300 8.94 1.37 0.92
C PHE A 300 8.36 0.52 2.05
N ASN A 301 7.79 -0.63 1.72
CA ASN A 301 7.25 -1.51 2.74
C ASN A 301 8.45 -2.05 3.50
N ASP A 302 8.33 -2.13 4.82
CA ASP A 302 9.43 -2.64 5.64
C ASP A 302 9.80 -4.08 5.36
N ASN A 303 8.91 -4.83 4.71
CA ASN A 303 9.18 -6.24 4.41
C ASN A 303 9.80 -6.46 3.02
N THR A 304 10.27 -5.39 2.42
CA THR A 304 10.88 -5.45 1.10
C THR A 304 12.29 -6.03 1.22
N GLU A 305 12.57 -7.08 0.45
CA GLU A 305 13.89 -7.69 0.49
C GLU A 305 14.80 -6.94 -0.46
N CYS A 306 14.24 -6.53 -1.61
CA CYS A 306 14.99 -5.78 -2.62
C CYS A 306 14.01 -5.27 -3.65
N LEU A 307 14.48 -4.38 -4.52
CA LEU A 307 13.65 -3.85 -5.60
C LEU A 307 14.10 -4.68 -6.81
N ALA A 308 13.15 -5.34 -7.46
CA ALA A 308 13.48 -6.20 -8.59
C ALA A 308 13.25 -5.64 -9.97
N LYS A 309 14.14 -6.02 -10.88
CA LYS A 309 14.00 -5.59 -12.26
C LYS A 309 12.71 -6.23 -12.71
N LEU A 310 11.96 -5.55 -13.56
CA LEU A 310 10.72 -6.10 -14.04
C LEU A 310 10.99 -7.11 -15.15
N GLY A 311 11.39 -6.64 -16.33
CA GLY A 311 11.66 -7.58 -17.40
C GLY A 311 10.39 -7.90 -18.17
N GLY A 312 10.48 -7.74 -19.49
CA GLY A 312 9.35 -7.95 -20.36
C GLY A 312 8.92 -6.52 -20.64
N ARG A 313 9.72 -5.60 -20.10
CA ARG A 313 9.50 -4.17 -20.20
C ARG A 313 8.01 -3.88 -20.32
N PRO A 314 7.26 -4.22 -19.26
CA PRO A 314 5.81 -4.09 -19.05
C PRO A 314 5.26 -2.69 -19.09
N THR A 315 4.14 -2.53 -19.76
CA THR A 315 3.48 -1.24 -19.80
C THR A 315 2.71 -1.32 -18.46
N TYR A 316 2.19 -0.21 -17.97
CA TYR A 316 1.48 -0.25 -16.69
C TYR A 316 0.30 -1.23 -16.70
N GLU A 317 -0.27 -1.44 -17.88
CA GLU A 317 -1.40 -2.36 -18.01
C GLU A 317 -0.92 -3.79 -17.85
N GLU A 318 0.22 -4.12 -18.42
CA GLU A 318 0.70 -5.48 -18.27
C GLU A 318 1.27 -5.75 -16.92
N TYR A 319 1.79 -4.72 -16.27
CA TYR A 319 2.34 -4.94 -14.94
C TYR A 319 1.22 -5.24 -13.96
N LEU A 320 0.14 -4.45 -14.03
CA LEU A 320 -0.98 -4.67 -13.13
C LEU A 320 -1.76 -5.93 -13.48
N GLY A 321 -1.65 -6.36 -14.74
CA GLY A 321 -2.35 -7.55 -15.18
C GLY A 321 -3.73 -7.19 -15.71
N THR A 322 -4.26 -8.02 -16.60
CA THR A 322 -5.56 -7.75 -17.20
C THR A 322 -6.79 -7.90 -16.33
N GLU A 323 -6.78 -8.86 -15.40
CA GLU A 323 -7.96 -9.02 -14.57
C GLU A 323 -8.13 -7.86 -13.62
N TYR A 324 -7.02 -7.39 -13.07
CA TYR A 324 -7.06 -6.27 -12.12
C TYR A 324 -7.41 -4.96 -12.79
N VAL A 325 -6.89 -4.74 -13.98
CA VAL A 325 -7.16 -3.51 -14.68
C VAL A 325 -8.64 -3.38 -14.99
N THR A 326 -9.30 -4.50 -15.29
CA THR A 326 -10.73 -4.44 -15.58
C THR A 326 -11.53 -4.17 -14.32
N ALA A 327 -11.06 -4.72 -13.20
CA ALA A 327 -11.71 -4.53 -11.92
C ALA A 327 -11.74 -3.03 -11.61
N ILE A 328 -10.58 -2.38 -11.75
CA ILE A 328 -10.44 -0.95 -11.49
C ILE A 328 -11.35 -0.14 -12.39
N ALA A 329 -11.40 -0.49 -13.67
CA ALA A 329 -12.22 0.22 -14.66
C ALA A 329 -13.68 0.20 -14.25
N ASN A 330 -14.22 -1.00 -14.07
CA ASN A 330 -15.62 -1.16 -13.68
C ASN A 330 -15.97 -0.38 -12.40
N LEU A 331 -15.05 -0.35 -11.45
CA LEU A 331 -15.29 0.37 -10.20
C LEU A 331 -15.32 1.87 -10.45
N LYS A 332 -14.44 2.36 -11.32
CA LYS A 332 -14.36 3.78 -11.65
C LYS A 332 -15.62 4.29 -12.31
N LYS A 333 -16.33 3.40 -13.00
CA LYS A 333 -17.56 3.80 -13.67
C LYS A 333 -18.49 4.45 -12.66
N CYS A 334 -18.51 3.87 -11.47
CA CYS A 334 -19.36 4.36 -10.39
C CYS A 334 -19.20 5.83 -10.05
N SER A 335 -17.97 6.24 -9.82
CA SER A 335 -17.68 7.62 -9.45
C SER A 335 -17.07 8.40 -10.61
N LEU A 340 -12.45 6.34 -19.01
CA LEU A 340 -12.04 5.39 -20.03
C LEU A 340 -10.67 5.77 -20.59
N GLU A 341 -10.60 6.96 -21.20
CA GLU A 341 -9.35 7.43 -21.79
C GLU A 341 -9.07 8.91 -21.47
N ALA A 342 -8.18 9.16 -20.51
CA ALA A 342 -7.81 10.53 -20.13
C ALA A 342 -7.06 10.55 -18.81
N CYS A 343 -6.00 11.36 -18.76
CA CYS A 343 -5.23 11.49 -17.53
C CYS A 343 -6.09 12.37 -16.62
N ALA A 344 -6.26 11.92 -15.38
CA ALA A 344 -7.07 12.61 -14.38
C ALA A 344 -6.59 14.00 -13.92
N PHE A 345 -5.56 14.54 -14.57
CA PHE A 345 -5.05 15.84 -14.17
C PHE A 345 -4.83 16.77 -15.38
C1 NAG B . 26.84 8.93 -6.26
C2 NAG B . 27.45 7.74 -5.51
C3 NAG B . 28.82 7.38 -6.07
C4 NAG B . 28.86 7.33 -7.59
C5 NAG B . 27.91 8.29 -8.30
C6 NAG B . 27.49 7.69 -9.64
C7 NAG B . 26.65 7.45 -3.22
C8 NAG B . 26.97 7.55 -1.75
N2 NAG B . 27.53 7.99 -4.08
O3 NAG B . 29.16 6.09 -5.59
O4 NAG B . 30.18 7.56 -8.04
O5 NAG B . 26.72 8.55 -7.60
O6 NAG B . 26.97 6.39 -9.43
O7 NAG B . 25.62 6.90 -3.59
C1 NAG B . 30.61 6.39 -8.77
C2 NAG B . 31.33 6.72 -10.07
C3 NAG B . 31.51 5.42 -10.85
C4 NAG B . 32.08 4.29 -9.97
C5 NAG B . 31.46 4.24 -8.57
C6 NAG B . 32.25 3.31 -7.66
C7 NAG B . 31.07 8.76 -11.46
C8 NAG B . 31.59 8.60 -12.86
N2 NAG B . 30.57 7.66 -10.86
O3 NAG B . 32.34 5.61 -11.97
O4 NAG B . 31.84 3.06 -10.61
O5 NAG B . 31.42 5.54 -7.99
O6 NAG B . 33.49 2.99 -8.27
O7 NAG B . 31.12 9.86 -10.91
C1 NAG C . -17.04 -7.91 -10.46
C2 NAG C . -15.66 -8.56 -10.53
C3 NAG C . -15.00 -8.16 -11.84
C4 NAG C . -16.02 -8.37 -12.96
C5 NAG C . -17.45 -7.87 -12.75
C6 NAG C . -18.41 -8.28 -13.88
C7 NAG C . -14.22 -8.75 -8.60
C8 NAG C . -13.48 -8.02 -7.50
N2 NAG C . -14.89 -7.98 -9.45
O3 NAG C . -13.86 -9.01 -12.07
O4 NAG C . -15.50 -7.74 -14.10
O5 NAG C . -17.92 -8.39 -11.49
O6 NAG C . -18.90 -9.60 -13.74
O7 NAG C . -14.17 -9.98 -8.69
C1 NAG C . -14.98 -8.60 -15.13
C2 NAG C . -15.19 -7.89 -16.41
C3 NAG C . -14.91 -8.91 -17.49
C4 NAG C . -13.84 -10.02 -17.15
C5 NAG C . -13.37 -10.15 -15.66
C6 NAG C . -11.90 -10.55 -15.37
C7 NAG C . -16.89 -6.41 -17.30
C8 NAG C . -18.26 -5.75 -17.10
N2 NAG C . -16.58 -7.42 -16.49
O3 NAG C . -14.46 -8.18 -18.62
O4 NAG C . -14.36 -11.28 -17.59
O5 NAG C . -13.62 -8.93 -14.95
O6 NAG C . -11.08 -9.39 -15.38
O7 NAG C . -16.13 -5.99 -18.16
C1 MAN C . -13.74 -11.73 -18.81
C2 MAN C . -13.88 -11.22 -20.25
C3 MAN C . -12.91 -12.01 -21.16
C4 MAN C . -11.79 -12.66 -20.34
C5 MAN C . -12.43 -13.67 -19.33
C6 MAN C . -11.55 -13.92 -18.11
O2 MAN C . -13.57 -9.83 -20.27
O3 MAN C . -12.40 -11.15 -22.17
O4 MAN C . -10.87 -13.30 -21.18
O5 MAN C . -13.70 -13.16 -18.81
O6 MAN C . -11.11 -12.70 -17.52
C1 NAG D . 1.22 -13.88 4.97
C2 NAG D . 1.82 -14.82 3.93
C3 NAG D . 3.12 -15.50 4.39
C4 NAG D . 3.96 -14.74 5.40
C5 NAG D . 3.20 -13.75 6.27
C6 NAG D . 4.19 -12.74 6.75
C7 NAG D . 0.04 -15.79 2.63
C8 NAG D . -0.84 -17.00 2.38
N2 NAG D . 0.88 -15.89 3.64
O3 NAG D . 3.95 -15.72 3.25
O4 NAG D . 4.66 -15.69 6.23
O5 NAG D . 2.24 -13.02 5.47
O6 NAG D . 4.11 -11.57 5.95
O7 NAG D . -0.06 -14.79 1.92
C1 NAG D . 6.06 -16.03 6.33
C2 NAG D . 6.87 -15.97 7.62
C3 NAG D . 8.36 -16.00 7.25
C4 NAG D . 8.71 -16.92 6.06
C5 NAG D . 7.66 -16.94 4.98
C6 NAG D . 7.93 -17.87 3.81
C7 NAG D . 6.27 -14.54 9.51
C8 NAG D . 6.31 -13.12 10.04
N2 NAG D . 6.60 -14.68 8.24
O3 NAG D . 9.13 -16.37 8.38
O4 NAG D . 9.80 -16.33 5.44
O5 NAG D . 6.39 -17.18 5.58
O6 NAG D . 7.03 -18.97 3.74
O7 NAG D . 5.93 -15.47 10.25
C1 MAN D . 11.00 -17.11 5.62
C2 MAN D . 11.13 -17.98 4.40
C3 MAN D . 12.25 -19.04 4.58
C4 MAN D . 13.38 -18.68 5.60
C5 MAN D . 12.99 -17.60 6.63
C6 MAN D . 14.13 -16.94 7.37
O2 MAN D . 11.39 -17.16 3.27
O3 MAN D . 12.84 -19.29 3.31
O4 MAN D . 13.70 -19.86 6.31
O5 MAN D . 12.23 -16.57 5.99
O6 MAN D . 14.33 -17.58 8.61
O4 NIM E . -3.19 -13.79 -12.32
N2 NIM E . -3.84 -13.49 -13.36
O3 NIM E . -4.98 -14.00 -13.52
C5 NIM E . -3.27 -12.51 -14.44
C4 NIM E . -1.99 -11.90 -14.31
C3 NIM E . -1.48 -10.98 -15.32
C2 NIM E . -2.24 -10.64 -16.48
N1 NIM E . -1.72 -9.70 -17.49
S1 NIM E . -0.15 -9.83 -18.22
O1 NIM E . -0.12 -8.76 -19.22
O2 NIM E . 0.81 -9.76 -17.06
C1 NIM E . -0.14 -11.52 -18.97
C6 NIM E . -4.04 -12.19 -15.60
C7 NIM E . -3.58 -11.28 -16.63
O5 NIM E . -4.43 -10.99 -17.79
C8 NIM E . -5.56 -11.76 -18.28
C13 NIM E . -6.61 -12.24 -17.40
C12 NIM E . -7.71 -13.03 -17.91
C11 NIM E . -7.77 -13.34 -19.30
C10 NIM E . -6.75 -12.87 -20.20
C9 NIM E . -5.65 -12.08 -19.71
FE FE F . -1.12 -2.11 -1.48
C CO3 G . -3.36 -1.29 -0.33
O1 CO3 G . -2.31 -0.55 -0.33
O2 CO3 G . -3.36 -2.43 -0.96
O3 CO3 G . -4.43 -0.90 0.30
ZN ZN H . 4.77 -6.24 -23.29
ZN ZN I . -7.16 -16.50 -5.39
S SO4 J . -14.63 -18.47 14.86
O1 SO4 J . -13.21 -18.58 14.46
O2 SO4 J . -14.97 -19.63 15.71
O3 SO4 J . -14.85 -17.22 15.61
O4 SO4 J . -15.48 -18.47 13.65
#